data_7NIF
#
_entry.id   7NIF
#
_cell.length_a   82.388
_cell.length_b   112.052
_cell.length_c   62.531
_cell.angle_alpha   90.000
_cell.angle_beta   90.000
_cell.angle_gamma   90.000
#
_symmetry.space_group_name_H-M   'C 2 2 21'
#
loop_
_entity.id
_entity.type
_entity.pdbx_description
1 polymer '14-3-3 protein sigma'
2 polymer 'Peptidyl-prolyl cis-trans isomerase NIMA-interacting 1'
3 non-polymer 1-(4-methylphenyl)imidazole
4 non-polymer 'CALCIUM ION'
5 non-polymer 'CHLORIDE ION'
6 water water
#
loop_
_entity_poly.entity_id
_entity_poly.type
_entity_poly.pdbx_seq_one_letter_code
_entity_poly.pdbx_strand_id
1 'polypeptide(L)'
;GAMGSMERASLIQKAKLAEQAERYEDMAAFMKGAVEKGEELS(CSO)EERNLLSVAYKNVVGGQRAAWRVLSSIEQKSNE
EGSEEKGPEVREYREKVETELQGVCDTVLGLLDSHLIKEAGDAESRVFYLKMKGDYYRYLAEVATGDDKKRIIDSARSAY
QEAMDISKKEMPPTNPIRLGLALNFSVFHYEIANSPEEAISLAKTTFDEAMADLHTLSEDSYKDSTLIMQLLRDNLTLWT
ADNAGEEGGEAPQEPQS
;
A
2 'polypeptide(L)' LVKHSQSRRPS(SEP)WRQEK P
#
# COMPACT_ATOMS: atom_id res chain seq x y z
N ALA A 2 23.68 -1.48 -1.01
CA ALA A 2 24.22 -2.82 -1.28
C ALA A 2 24.19 -3.11 -2.78
N MET A 3 23.25 -2.48 -3.49
CA MET A 3 23.08 -2.70 -4.91
C MET A 3 23.77 -1.63 -5.76
N GLY A 4 24.66 -0.84 -5.14
CA GLY A 4 25.25 0.30 -5.81
C GLY A 4 26.13 -0.06 -7.00
N SER A 5 26.66 -1.27 -7.05
CA SER A 5 27.54 -1.66 -8.14
C SER A 5 26.81 -2.35 -9.29
N MET A 6 25.51 -2.62 -9.18
CA MET A 6 24.77 -3.24 -10.27
C MET A 6 24.09 -2.21 -11.15
N GLU A 7 24.03 -2.50 -12.45
CA GLU A 7 23.33 -1.64 -13.40
C GLU A 7 21.85 -1.52 -13.07
N ARG A 8 21.28 -0.34 -13.32
CA ARG A 8 19.85 -0.14 -13.15
C ARG A 8 19.05 -1.19 -13.92
N ALA A 9 19.38 -1.39 -15.20
CA ALA A 9 18.63 -2.34 -16.02
C ALA A 9 18.74 -3.75 -15.48
N SER A 10 19.92 -4.11 -14.94
CA SER A 10 20.09 -5.44 -14.36
C SER A 10 19.27 -5.60 -13.09
N LEU A 11 19.21 -4.54 -12.27
CA LEU A 11 18.35 -4.57 -11.08
C LEU A 11 16.89 -4.79 -11.45
N ILE A 12 16.42 -4.08 -12.48
CA ILE A 12 15.04 -4.26 -12.92
C ILE A 12 14.82 -5.68 -13.43
N GLN A 13 15.73 -6.17 -14.28
CA GLN A 13 15.60 -7.52 -14.80
C GLN A 13 15.59 -8.55 -13.69
N LYS A 14 16.46 -8.37 -12.68
CA LYS A 14 16.50 -9.33 -11.58
C LYS A 14 15.27 -9.21 -10.68
N ALA A 15 14.70 -8.01 -10.55
CA ALA A 15 13.45 -7.88 -9.80
C ALA A 15 12.34 -8.70 -10.42
N LYS A 16 12.27 -8.72 -11.76
CA LYS A 16 11.26 -9.52 -12.45
C LYS A 16 11.52 -11.01 -12.26
N LEU A 17 12.78 -11.43 -12.28
CA LEU A 17 13.10 -12.82 -12.03
C LEU A 17 12.72 -13.24 -10.61
N ALA A 18 12.96 -12.36 -9.64
CA ALA A 18 12.60 -12.67 -8.26
C ALA A 18 11.10 -12.81 -8.09
N GLU A 19 10.33 -11.97 -8.78
CA GLU A 19 8.86 -12.14 -8.76
C GLU A 19 8.46 -13.50 -9.29
N GLN A 20 9.06 -13.94 -10.40
CA GLN A 20 8.73 -15.24 -10.96
C GLN A 20 9.08 -16.36 -9.99
N ALA A 21 10.17 -16.19 -9.25
CA ALA A 21 10.60 -17.16 -8.25
C ALA A 21 9.91 -16.97 -6.90
N GLU A 22 9.02 -15.99 -6.79
CA GLU A 22 8.35 -15.65 -5.54
C GLU A 22 9.35 -15.36 -4.42
N ARG A 23 10.45 -14.69 -4.78
CA ARG A 23 11.47 -14.28 -3.82
C ARG A 23 11.32 -12.78 -3.59
N TYR A 24 10.32 -12.43 -2.77
CA TYR A 24 9.90 -11.03 -2.70
C TYR A 24 10.88 -10.17 -1.93
N GLU A 25 11.60 -10.75 -0.97
N GLU A 25 11.61 -10.74 -0.97
CA GLU A 25 12.65 -10.01 -0.27
CA GLU A 25 12.64 -9.95 -0.29
C GLU A 25 13.73 -9.58 -1.24
C GLU A 25 13.75 -9.57 -1.25
N ASP A 26 14.21 -10.52 -2.07
CA ASP A 26 15.17 -10.18 -3.13
C ASP A 26 14.58 -9.13 -4.05
N MET A 27 13.32 -9.31 -4.45
CA MET A 27 12.69 -8.38 -5.37
C MET A 27 12.67 -6.97 -4.79
N ALA A 28 12.38 -6.85 -3.49
CA ALA A 28 12.36 -5.54 -2.85
C ALA A 28 13.74 -4.91 -2.82
N ALA A 29 14.76 -5.72 -2.49
CA ALA A 29 16.13 -5.21 -2.43
C ALA A 29 16.59 -4.75 -3.81
N PHE A 30 16.25 -5.50 -4.86
CA PHE A 30 16.58 -5.07 -6.22
C PHE A 30 15.90 -3.75 -6.56
N MET A 31 14.60 -3.62 -6.24
CA MET A 31 13.91 -2.40 -6.63
C MET A 31 14.35 -1.22 -5.77
N LYS A 32 14.70 -1.45 -4.51
CA LYS A 32 15.31 -0.39 -3.71
C LYS A 32 16.61 0.10 -4.36
N GLY A 33 17.44 -0.84 -4.80
CA GLY A 33 18.65 -0.46 -5.52
C GLY A 33 18.36 0.35 -6.77
N ALA A 34 17.30 -0.03 -7.50
CA ALA A 34 16.95 0.70 -8.71
C ALA A 34 16.48 2.11 -8.39
N VAL A 35 15.66 2.27 -7.34
CA VAL A 35 15.23 3.60 -6.94
C VAL A 35 16.42 4.46 -6.56
N GLU A 36 17.38 3.88 -5.83
CA GLU A 36 18.53 4.64 -5.36
C GLU A 36 19.48 5.04 -6.49
N LYS A 37 19.25 4.55 -7.71
CA LYS A 37 19.97 5.10 -8.86
C LYS A 37 19.61 6.55 -9.12
N GLY A 38 18.51 7.03 -8.55
CA GLY A 38 18.15 8.44 -8.63
C GLY A 38 17.28 8.82 -9.81
N GLU A 39 16.98 7.90 -10.72
CA GLU A 39 16.15 8.20 -11.85
C GLU A 39 14.69 7.93 -11.51
N GLU A 40 13.79 8.67 -12.15
CA GLU A 40 12.37 8.42 -11.95
C GLU A 40 12.02 7.02 -12.46
N LEU A 41 10.92 6.48 -11.95
CA LEU A 41 10.47 5.14 -12.29
C LEU A 41 9.36 5.19 -13.33
N SER A 42 9.41 4.25 -14.28
CA SER A 42 8.33 4.07 -15.23
C SER A 42 7.12 3.44 -14.54
N GLU A 44 5.64 0.61 -15.18
CA GLU A 44 5.93 -0.80 -14.91
C GLU A 44 6.87 -0.94 -13.70
N GLU A 45 7.86 -0.05 -13.63
CA GLU A 45 8.83 -0.11 -12.53
C GLU A 45 8.18 0.25 -11.19
N ARG A 46 7.28 1.24 -11.20
CA ARG A 46 6.52 1.55 -9.98
C ARG A 46 5.74 0.33 -9.51
N ASN A 47 5.11 -0.39 -10.43
CA ASN A 47 4.36 -1.59 -10.05
C ASN A 47 5.28 -2.63 -9.43
N LEU A 48 6.48 -2.82 -9.99
CA LEU A 48 7.41 -3.79 -9.42
C LEU A 48 7.78 -3.41 -7.98
N LEU A 49 8.08 -2.13 -7.77
CA LEU A 49 8.38 -1.64 -6.43
C LEU A 49 7.23 -1.94 -5.47
N SER A 50 6.01 -1.60 -5.87
CA SER A 50 4.85 -1.78 -5.01
C SER A 50 4.60 -3.26 -4.72
N VAL A 51 4.66 -4.10 -5.75
CA VAL A 51 4.40 -5.53 -5.56
C VAL A 51 5.41 -6.13 -4.60
N ALA A 52 6.69 -5.76 -4.74
CA ALA A 52 7.74 -6.34 -3.92
C ALA A 52 7.50 -6.07 -2.44
N TYR A 53 7.35 -4.79 -2.09
CA TYR A 53 7.24 -4.45 -0.68
C TYR A 53 5.87 -4.84 -0.11
N LYS A 54 4.82 -4.83 -0.93
CA LYS A 54 3.51 -5.26 -0.42
C LYS A 54 3.54 -6.71 0.00
N ASN A 55 4.26 -7.55 -0.74
CA ASN A 55 4.37 -8.95 -0.38
C ASN A 55 5.25 -9.14 0.84
N VAL A 56 6.35 -8.38 0.95
CA VAL A 56 7.21 -8.49 2.12
C VAL A 56 6.47 -8.08 3.38
N VAL A 57 5.87 -6.88 3.35
N VAL A 57 5.89 -6.86 3.37
CA VAL A 57 5.18 -6.39 4.54
CA VAL A 57 5.15 -6.39 4.54
C VAL A 57 3.89 -7.18 4.77
C VAL A 57 3.94 -7.27 4.79
N GLY A 58 3.32 -7.76 3.71
CA GLY A 58 2.12 -8.57 3.88
C GLY A 58 2.38 -9.83 4.67
N GLY A 59 3.53 -10.46 4.45
CA GLY A 59 3.91 -11.60 5.27
C GLY A 59 4.20 -11.21 6.71
N GLN A 60 4.84 -10.06 6.91
CA GLN A 60 5.12 -9.59 8.26
C GLN A 60 3.81 -9.28 9.00
N ARG A 61 2.86 -8.65 8.30
CA ARG A 61 1.59 -8.31 8.94
C ARG A 61 0.83 -9.56 9.35
N ALA A 62 0.81 -10.57 8.47
CA ALA A 62 0.14 -11.82 8.79
C ALA A 62 0.80 -12.50 9.99
N ALA A 63 2.13 -12.49 10.04
CA ALA A 63 2.83 -13.06 11.18
C ALA A 63 2.55 -12.26 12.44
N TRP A 64 2.56 -10.92 12.33
CA TRP A 64 2.27 -10.09 13.50
C TRP A 64 0.88 -10.37 14.05
N ARG A 65 -0.10 -10.58 13.17
CA ARG A 65 -1.46 -10.84 13.65
C ARG A 65 -1.55 -12.17 14.37
N VAL A 66 -0.86 -13.19 13.87
CA VAL A 66 -0.86 -14.49 14.54
C VAL A 66 -0.28 -14.34 15.94
N LEU A 67 0.85 -13.63 16.06
CA LEU A 67 1.53 -13.52 17.34
C LEU A 67 0.79 -12.59 18.31
N SER A 68 0.23 -11.50 17.80
N SER A 68 0.23 -11.50 17.80
CA SER A 68 -0.54 -10.60 18.65
CA SER A 68 -0.54 -10.60 18.66
C SER A 68 -1.77 -11.29 19.20
C SER A 68 -1.77 -11.30 19.22
N SER A 69 -2.38 -12.18 18.42
CA SER A 69 -3.51 -12.97 18.90
C SER A 69 -3.07 -13.91 20.01
N ILE A 70 -2.02 -14.69 19.77
CA ILE A 70 -1.48 -15.56 20.82
C ILE A 70 -1.16 -14.74 22.07
N GLU A 71 -0.58 -13.56 21.88
CA GLU A 71 -0.23 -12.72 23.03
C GLU A 71 -1.48 -12.29 23.79
N GLN A 72 -2.55 -11.97 23.07
CA GLN A 72 -3.77 -11.49 23.74
C GLN A 72 -4.41 -12.58 24.58
N LYS A 73 -4.47 -13.81 24.07
CA LYS A 73 -5.01 -14.91 24.87
C LYS A 73 -4.13 -15.21 26.08
N SER A 74 -2.81 -15.01 25.97
CA SER A 74 -1.95 -15.24 27.13
C SER A 74 -2.21 -14.22 28.24
N ASN A 75 -2.63 -13.01 27.89
CA ASN A 75 -2.88 -11.98 28.88
C ASN A 75 -4.36 -11.59 28.93
N GLY A 83 5.60 -16.47 30.55
CA GLY A 83 6.92 -16.02 30.17
C GLY A 83 6.90 -14.83 29.22
N PRO A 84 8.07 -14.22 29.01
CA PRO A 84 8.16 -13.05 28.12
C PRO A 84 8.28 -13.40 26.64
N GLU A 85 8.28 -14.67 26.28
CA GLU A 85 8.71 -15.08 24.94
C GLU A 85 7.73 -14.62 23.86
N VAL A 86 6.42 -14.73 24.11
CA VAL A 86 5.45 -14.34 23.09
C VAL A 86 5.55 -12.84 22.82
N ARG A 87 5.56 -12.03 23.88
CA ARG A 87 5.74 -10.60 23.71
C ARG A 87 7.08 -10.29 23.03
N GLU A 88 8.15 -10.95 23.48
CA GLU A 88 9.46 -10.72 22.88
C GLU A 88 9.44 -10.97 21.38
N TYR A 89 8.85 -12.10 20.96
CA TYR A 89 8.89 -12.46 19.55
C TYR A 89 7.94 -11.59 18.74
N ARG A 90 6.78 -11.25 19.31
CA ARG A 90 5.90 -10.29 18.65
C ARG A 90 6.61 -8.96 18.44
N GLU A 91 7.38 -8.52 19.43
CA GLU A 91 8.13 -7.27 19.32
C GLU A 91 9.20 -7.36 18.25
N LYS A 92 9.84 -8.52 18.10
CA LYS A 92 10.86 -8.70 17.08
C LYS A 92 10.25 -8.55 15.68
N VAL A 93 9.17 -9.26 15.41
CA VAL A 93 8.50 -9.17 14.11
C VAL A 93 8.01 -7.74 13.88
N GLU A 94 7.41 -7.14 14.91
CA GLU A 94 6.92 -5.76 14.82
C GLU A 94 8.03 -4.80 14.44
N THR A 95 9.21 -4.95 15.05
CA THR A 95 10.33 -4.07 14.75
C THR A 95 10.81 -4.27 13.32
N GLU A 96 10.83 -5.52 12.84
N GLU A 96 10.82 -5.51 12.85
CA GLU A 96 11.21 -5.77 11.45
CA GLU A 96 11.21 -5.78 11.47
C GLU A 96 10.19 -5.18 10.49
C GLU A 96 10.19 -5.20 10.48
N LEU A 97 8.90 -5.31 10.82
CA LEU A 97 7.85 -4.68 10.00
C LEU A 97 8.02 -3.17 9.93
N GLN A 98 8.26 -2.53 11.08
CA GLN A 98 8.46 -1.09 11.10
C GLN A 98 9.70 -0.68 10.32
N GLY A 99 10.75 -1.52 10.36
CA GLY A 99 11.92 -1.21 9.57
C GLY A 99 11.66 -1.22 8.08
N VAL A 100 10.85 -2.16 7.62
CA VAL A 100 10.54 -2.21 6.19
C VAL A 100 9.64 -1.02 5.82
N CYS A 101 8.70 -0.67 6.69
CA CYS A 101 7.85 0.47 6.41
C CYS A 101 8.67 1.76 6.35
N ASP A 102 9.60 1.93 7.28
CA ASP A 102 10.48 3.10 7.25
C ASP A 102 11.32 3.15 5.98
N THR A 103 11.79 1.98 5.52
CA THR A 103 12.57 1.94 4.30
C THR A 103 11.76 2.42 3.10
N VAL A 104 10.52 1.94 2.98
CA VAL A 104 9.67 2.36 1.86
C VAL A 104 9.39 3.85 1.96
N LEU A 105 8.99 4.31 3.15
CA LEU A 105 8.72 5.74 3.34
C LEU A 105 9.96 6.57 3.03
N GLY A 106 11.13 6.06 3.38
CA GLY A 106 12.37 6.77 3.06
C GLY A 106 12.60 6.89 1.56
N LEU A 107 12.28 5.84 0.80
CA LEU A 107 12.41 5.92 -0.65
C LEU A 107 11.44 6.94 -1.23
N LEU A 108 10.20 6.97 -0.72
CA LEU A 108 9.22 7.93 -1.23
C LEU A 108 9.65 9.36 -0.92
N ASP A 109 10.23 9.57 0.26
CA ASP A 109 10.64 10.89 0.69
C ASP A 109 11.97 11.33 0.08
N SER A 110 12.82 10.36 -0.34
CA SER A 110 14.15 10.66 -0.88
C SER A 110 14.40 9.76 -2.10
N HIS A 111 13.87 10.14 -3.26
CA HIS A 111 13.19 11.41 -3.51
C HIS A 111 12.06 11.21 -4.52
N LEU A 112 11.37 10.08 -4.42
CA LEU A 112 10.39 9.70 -5.44
C LEU A 112 9.25 10.70 -5.54
N ILE A 113 8.71 11.14 -4.40
CA ILE A 113 7.52 11.97 -4.43
C ILE A 113 7.83 13.36 -5.00
N LYS A 114 8.92 13.99 -4.53
CA LYS A 114 9.19 15.35 -4.98
C LYS A 114 9.48 15.43 -6.47
N GLU A 115 9.97 14.34 -7.08
CA GLU A 115 10.22 14.35 -8.52
C GLU A 115 9.05 13.86 -9.35
N ALA A 116 7.94 13.49 -8.73
CA ALA A 116 6.79 12.94 -9.44
C ALA A 116 5.83 14.06 -9.82
N GLY A 117 5.83 14.43 -11.10
CA GLY A 117 4.99 15.53 -11.56
C GLY A 117 3.69 15.08 -12.19
N ASP A 118 3.72 13.95 -12.90
CA ASP A 118 2.52 13.44 -13.54
C ASP A 118 1.54 12.91 -12.50
N ALA A 119 0.25 13.00 -12.82
CA ALA A 119 -0.79 12.53 -11.91
C ALA A 119 -0.64 11.05 -11.60
N GLU A 120 -0.35 10.23 -12.62
CA GLU A 120 -0.28 8.79 -12.39
C GLU A 120 0.85 8.43 -11.44
N SER A 121 2.00 9.11 -11.55
CA SER A 121 3.11 8.81 -10.66
C SER A 121 2.90 9.40 -9.27
N ARG A 122 2.45 10.66 -9.20
CA ARG A 122 2.32 11.31 -7.91
C ARG A 122 1.23 10.65 -7.07
N VAL A 123 0.09 10.32 -7.69
CA VAL A 123 -0.96 9.62 -6.95
C VAL A 123 -0.49 8.25 -6.49
N PHE A 124 0.25 7.55 -7.35
CA PHE A 124 0.74 6.22 -7.01
C PHE A 124 1.62 6.26 -5.77
N TYR A 125 2.55 7.22 -5.71
CA TYR A 125 3.49 7.29 -4.58
C TYR A 125 2.80 7.77 -3.32
N LEU A 126 1.87 8.72 -3.45
CA LEU A 126 1.15 9.20 -2.26
C LEU A 126 0.26 8.11 -1.69
N LYS A 127 -0.37 7.31 -2.55
CA LYS A 127 -1.08 6.12 -2.10
C LYS A 127 -0.16 5.18 -1.33
N MET A 128 1.03 4.92 -1.87
CA MET A 128 2.00 4.10 -1.15
C MET A 128 2.32 4.70 0.22
N LYS A 129 2.52 6.01 0.28
CA LYS A 129 2.86 6.65 1.55
C LYS A 129 1.73 6.47 2.56
N GLY A 130 0.48 6.63 2.11
CA GLY A 130 -0.64 6.36 2.99
C GLY A 130 -0.67 4.90 3.45
N ASP A 131 -0.40 3.98 2.54
CA ASP A 131 -0.45 2.54 2.86
C ASP A 131 0.57 2.18 3.92
N TYR A 132 1.80 2.67 3.78
CA TYR A 132 2.84 2.21 4.72
C TYR A 132 2.74 2.95 6.06
N TYR A 133 2.17 4.15 6.08
CA TYR A 133 1.77 4.72 7.36
C TYR A 133 0.61 3.96 7.97
N ARG A 134 -0.32 3.47 7.13
CA ARG A 134 -1.39 2.62 7.64
C ARG A 134 -0.84 1.37 8.31
N TYR A 135 0.16 0.72 7.69
CA TYR A 135 0.73 -0.48 8.29
C TYR A 135 1.45 -0.16 9.59
N LEU A 136 2.15 0.98 9.66
CA LEU A 136 2.71 1.44 10.92
C LEU A 136 1.60 1.66 11.95
N ALA A 137 0.47 2.20 11.52
CA ALA A 137 -0.62 2.49 12.44
C ALA A 137 -1.22 1.21 13.02
N GLU A 138 -1.23 0.12 12.26
CA GLU A 138 -1.83 -1.12 12.74
C GLU A 138 -1.14 -1.66 13.97
N VAL A 139 0.15 -1.35 14.15
CA VAL A 139 0.93 -1.87 15.28
C VAL A 139 1.26 -0.79 16.30
N ALA A 140 0.88 0.46 16.06
CA ALA A 140 1.26 1.55 16.95
C ALA A 140 0.42 1.54 18.21
N THR A 141 1.07 1.80 19.35
CA THR A 141 0.40 1.86 20.64
C THR A 141 0.89 2.98 21.54
N GLY A 142 1.93 3.73 21.16
CA GLY A 142 2.52 4.73 22.00
C GLY A 142 2.01 6.13 21.73
N ASP A 143 2.81 7.12 22.12
CA ASP A 143 2.42 8.53 22.02
C ASP A 143 2.40 9.04 20.59
N ASP A 144 2.84 8.24 19.61
CA ASP A 144 2.93 8.69 18.24
C ASP A 144 1.85 8.11 17.33
N LYS A 145 0.93 7.31 17.88
CA LYS A 145 -0.08 6.67 17.04
C LYS A 145 -0.95 7.70 16.33
N LYS A 146 -1.38 8.75 17.03
CA LYS A 146 -2.23 9.75 16.40
C LYS A 146 -1.50 10.46 15.28
N ARG A 147 -0.22 10.76 15.46
CA ARG A 147 0.54 11.41 14.40
C ARG A 147 0.75 10.47 13.22
N ILE A 148 0.99 9.19 13.50
CA ILE A 148 1.11 8.20 12.44
C ILE A 148 -0.20 8.09 11.66
N ILE A 149 -1.33 8.06 12.37
CA ILE A 149 -2.64 7.98 11.72
C ILE A 149 -2.88 9.20 10.86
N ASP A 150 -2.50 10.39 11.35
CA ASP A 150 -2.73 11.60 10.57
C ASP A 150 -1.80 11.67 9.39
N SER A 151 -0.60 11.10 9.50
CA SER A 151 0.30 11.04 8.35
C SER A 151 -0.29 10.17 7.24
N ALA A 152 -0.90 9.04 7.60
CA ALA A 152 -1.59 8.23 6.61
C ALA A 152 -2.73 9.02 5.98
N ARG A 153 -3.57 9.64 6.83
N ARG A 153 -3.58 9.63 6.82
CA ARG A 153 -4.71 10.41 6.34
CA ARG A 153 -4.71 10.41 6.32
C ARG A 153 -4.26 11.50 5.38
C ARG A 153 -4.26 11.50 5.37
N SER A 154 -3.25 12.27 5.76
CA SER A 154 -2.81 13.39 4.93
C SER A 154 -2.29 12.91 3.58
N ALA A 155 -1.54 11.80 3.56
CA ALA A 155 -1.03 11.26 2.30
C ALA A 155 -2.18 10.77 1.42
N TYR A 156 -3.10 10.00 2.00
CA TYR A 156 -4.27 9.55 1.23
C TYR A 156 -5.06 10.73 0.68
N GLN A 157 -5.25 11.77 1.49
CA GLN A 157 -6.10 12.88 1.11
C GLN A 157 -5.51 13.67 -0.06
N GLU A 158 -4.20 13.91 -0.03
CA GLU A 158 -3.58 14.60 -1.16
C GLU A 158 -3.69 13.79 -2.44
N ALA A 159 -3.48 12.48 -2.34
CA ALA A 159 -3.64 11.61 -3.50
C ALA A 159 -5.07 11.66 -4.03
N MET A 160 -6.06 11.65 -3.13
CA MET A 160 -7.45 11.70 -3.57
C MET A 160 -7.76 13.02 -4.27
N ASP A 161 -7.28 14.13 -3.70
CA ASP A 161 -7.50 15.43 -4.34
C ASP A 161 -6.95 15.45 -5.76
N ILE A 162 -5.73 14.93 -5.95
CA ILE A 162 -5.15 14.92 -7.29
C ILE A 162 -5.93 13.97 -8.20
N SER A 163 -6.26 12.78 -7.71
CA SER A 163 -6.92 11.79 -8.55
C SER A 163 -8.30 12.26 -8.99
N LYS A 164 -9.02 12.96 -8.11
CA LYS A 164 -10.33 13.46 -8.49
C LYS A 164 -10.22 14.54 -9.56
N LYS A 165 -9.17 15.36 -9.52
CA LYS A 165 -9.00 16.41 -10.53
C LYS A 165 -8.42 15.90 -11.83
N GLU A 166 -7.55 14.88 -11.78
CA GLU A 166 -6.73 14.54 -12.93
C GLU A 166 -7.03 13.18 -13.54
N MET A 167 -7.80 12.31 -12.87
CA MET A 167 -8.01 10.99 -13.44
C MET A 167 -9.49 10.71 -13.64
N PRO A 168 -9.84 9.87 -14.60
CA PRO A 168 -11.23 9.44 -14.75
C PRO A 168 -11.63 8.55 -13.58
N PRO A 169 -12.93 8.45 -13.30
CA PRO A 169 -13.38 7.66 -12.14
C PRO A 169 -13.08 6.18 -12.23
N THR A 170 -12.77 5.67 -13.43
CA THR A 170 -12.46 4.25 -13.62
C THR A 170 -10.96 3.95 -13.58
N ASN A 171 -10.12 4.97 -13.41
CA ASN A 171 -8.68 4.75 -13.43
C ASN A 171 -8.28 3.77 -12.32
N PRO A 172 -7.59 2.67 -12.65
CA PRO A 172 -7.30 1.65 -11.62
C PRO A 172 -6.54 2.19 -10.42
N ILE A 173 -5.64 3.14 -10.62
CA ILE A 173 -4.91 3.71 -9.49
C ILE A 173 -5.86 4.52 -8.62
N ARG A 174 -6.74 5.31 -9.25
CA ARG A 174 -7.75 6.04 -8.48
C ARG A 174 -8.66 5.09 -7.72
N LEU A 175 -9.06 3.97 -8.35
CA LEU A 175 -9.93 3.01 -7.67
C LEU A 175 -9.22 2.32 -6.52
N GLY A 176 -7.98 1.89 -6.74
CA GLY A 176 -7.24 1.24 -5.67
C GLY A 176 -6.94 2.20 -4.52
N LEU A 177 -6.68 3.47 -4.84
CA LEU A 177 -6.49 4.47 -3.79
C LEU A 177 -7.75 4.63 -2.96
N ALA A 178 -8.91 4.72 -3.61
CA ALA A 178 -10.15 4.88 -2.87
C ALA A 178 -10.45 3.64 -2.02
N LEU A 179 -10.20 2.45 -2.58
CA LEU A 179 -10.36 1.21 -1.83
C LEU A 179 -9.56 1.24 -0.53
N ASN A 180 -8.27 1.54 -0.63
CA ASN A 180 -7.39 1.52 0.55
C ASN A 180 -7.70 2.64 1.52
N PHE A 181 -8.09 3.82 1.01
CA PHE A 181 -8.48 4.91 1.91
C PHE A 181 -9.75 4.55 2.67
N SER A 182 -10.67 3.82 2.02
CA SER A 182 -11.86 3.38 2.74
C SER A 182 -11.51 2.34 3.79
N VAL A 183 -10.56 1.45 3.50
CA VAL A 183 -10.09 0.52 4.51
C VAL A 183 -9.46 1.27 5.68
N PHE A 184 -8.67 2.30 5.37
CA PHE A 184 -8.11 3.15 6.42
C PHE A 184 -9.21 3.71 7.31
N HIS A 185 -10.27 4.24 6.71
CA HIS A 185 -11.37 4.79 7.49
C HIS A 185 -11.99 3.74 8.39
N TYR A 186 -12.20 2.53 7.85
CA TYR A 186 -12.90 1.50 8.60
C TYR A 186 -12.02 0.91 9.70
N GLU A 187 -10.78 0.54 9.37
CA GLU A 187 -9.93 -0.20 10.30
C GLU A 187 -9.11 0.68 11.22
N ILE A 188 -8.66 1.83 10.75
CA ILE A 188 -7.68 2.64 11.48
C ILE A 188 -8.35 3.85 12.16
N ALA A 189 -9.16 4.60 11.41
CA ALA A 189 -9.72 5.86 11.89
C ALA A 189 -11.04 5.69 12.64
N ASN A 190 -11.54 4.46 12.78
CA ASN A 190 -12.80 4.20 13.48
C ASN A 190 -13.93 5.03 12.88
N SER A 191 -13.97 5.11 11.56
CA SER A 191 -14.97 5.89 10.83
C SER A 191 -15.64 5.00 9.80
N PRO A 192 -16.42 4.00 10.25
CA PRO A 192 -17.01 3.07 9.28
C PRO A 192 -18.01 3.72 8.35
N GLU A 193 -18.72 4.76 8.77
CA GLU A 193 -19.65 5.42 7.86
C GLU A 193 -18.90 6.13 6.75
N GLU A 194 -17.77 6.78 7.07
CA GLU A 194 -16.93 7.36 6.03
C GLU A 194 -16.40 6.30 5.07
N ALA A 195 -16.00 5.14 5.61
CA ALA A 195 -15.53 4.06 4.76
C ALA A 195 -16.60 3.61 3.79
N ILE A 196 -17.83 3.42 4.28
CA ILE A 196 -18.93 2.96 3.45
C ILE A 196 -19.30 4.01 2.41
N SER A 197 -19.35 5.28 2.80
CA SER A 197 -19.70 6.34 1.87
C SER A 197 -18.68 6.45 0.75
N LEU A 198 -17.39 6.40 1.10
CA LEU A 198 -16.36 6.50 0.06
C LEU A 198 -16.44 5.32 -0.91
N ALA A 199 -16.59 4.11 -0.39
CA ALA A 199 -16.61 2.93 -1.25
C ALA A 199 -17.81 2.94 -2.19
N LYS A 200 -18.97 3.38 -1.70
CA LYS A 200 -20.16 3.37 -2.56
C LYS A 200 -20.11 4.50 -3.59
N THR A 201 -19.71 5.69 -3.16
CA THR A 201 -19.53 6.80 -4.10
C THR A 201 -18.51 6.46 -5.18
N THR A 202 -17.38 5.86 -4.78
CA THR A 202 -16.37 5.45 -5.76
C THR A 202 -16.93 4.41 -6.73
N PHE A 203 -17.62 3.40 -6.20
CA PHE A 203 -18.17 2.35 -7.06
C PHE A 203 -19.15 2.93 -8.07
N ASP A 204 -20.06 3.79 -7.59
CA ASP A 204 -21.14 4.30 -8.45
C ASP A 204 -20.58 5.19 -9.57
N GLU A 205 -19.64 6.07 -9.26
CA GLU A 205 -19.07 6.89 -10.33
C GLU A 205 -18.20 6.07 -11.29
N ALA A 206 -17.63 4.97 -10.83
CA ALA A 206 -16.94 4.07 -11.76
C ALA A 206 -17.94 3.38 -12.69
N MET A 207 -18.97 2.75 -12.12
CA MET A 207 -20.11 2.27 -12.91
C MET A 207 -20.48 3.18 -14.08
N ALA A 208 -20.72 4.45 -13.78
CA ALA A 208 -21.24 5.37 -14.78
C ALA A 208 -20.21 5.75 -15.84
N ASP A 209 -18.94 5.39 -15.64
CA ASP A 209 -17.88 5.74 -16.58
C ASP A 209 -17.38 4.53 -17.37
N LEU A 210 -17.91 3.33 -17.10
CA LEU A 210 -17.41 2.13 -17.76
C LEU A 210 -17.69 2.14 -19.27
N HIS A 211 -18.74 2.85 -19.69
CA HIS A 211 -19.11 2.84 -21.11
C HIS A 211 -18.03 3.47 -21.99
N THR A 212 -17.10 4.23 -21.41
CA THR A 212 -16.06 4.88 -22.20
C THR A 212 -14.86 3.97 -22.46
N LEU A 213 -14.80 2.80 -21.83
CA LEU A 213 -13.59 1.99 -21.78
C LEU A 213 -13.58 0.90 -22.84
N SER A 214 -12.38 0.49 -23.22
CA SER A 214 -12.20 -0.70 -24.04
C SER A 214 -12.43 -1.95 -23.20
N GLU A 215 -12.42 -3.11 -23.88
CA GLU A 215 -12.65 -4.36 -23.16
C GLU A 215 -11.55 -4.63 -22.13
N ASP A 216 -10.30 -4.30 -22.45
CA ASP A 216 -9.22 -4.55 -21.50
C ASP A 216 -9.28 -3.58 -20.32
N SER A 217 -9.51 -2.29 -20.58
CA SER A 217 -9.65 -1.35 -19.49
C SER A 217 -10.89 -1.65 -18.65
N TYR A 218 -11.98 -2.04 -19.30
CA TYR A 218 -13.17 -2.49 -18.58
C TYR A 218 -12.84 -3.60 -17.60
N LYS A 219 -12.04 -4.57 -18.04
CA LYS A 219 -11.65 -5.67 -17.14
C LYS A 219 -10.81 -5.17 -15.97
N ASP A 220 -9.85 -4.27 -16.24
CA ASP A 220 -9.04 -3.73 -15.16
C ASP A 220 -9.89 -3.01 -14.11
N SER A 221 -10.85 -2.20 -14.57
CA SER A 221 -11.62 -1.36 -13.65
C SER A 221 -12.62 -2.18 -12.85
N THR A 222 -13.34 -3.09 -13.51
CA THR A 222 -14.35 -3.88 -12.82
C THR A 222 -13.72 -4.82 -11.79
N LEU A 223 -12.46 -5.20 -11.99
CA LEU A 223 -11.81 -6.09 -11.03
C LEU A 223 -11.62 -5.39 -9.68
N ILE A 224 -11.17 -4.14 -9.71
CA ILE A 224 -11.01 -3.39 -8.46
C ILE A 224 -12.37 -2.97 -7.93
N MET A 225 -13.32 -2.79 -8.84
CA MET A 225 -14.66 -2.38 -8.44
C MET A 225 -15.32 -3.48 -7.62
N GLN A 226 -14.98 -4.73 -7.92
CA GLN A 226 -15.47 -5.88 -7.16
C GLN A 226 -14.90 -5.91 -5.75
N LEU A 227 -13.67 -5.47 -5.56
CA LEU A 227 -13.12 -5.38 -4.21
C LEU A 227 -13.89 -4.37 -3.37
N LEU A 228 -14.28 -3.24 -3.97
CA LEU A 228 -15.12 -2.29 -3.26
C LEU A 228 -16.46 -2.91 -2.89
N ARG A 229 -17.04 -3.67 -3.82
CA ARG A 229 -18.31 -4.34 -3.57
C ARG A 229 -18.18 -5.38 -2.46
N ASP A 230 -17.10 -6.17 -2.47
CA ASP A 230 -16.88 -7.14 -1.40
C ASP A 230 -16.87 -6.46 -0.04
N ASN A 231 -16.19 -5.32 0.07
CA ASN A 231 -16.11 -4.63 1.36
C ASN A 231 -17.46 -4.10 1.79
N LEU A 232 -18.21 -3.49 0.86
CA LEU A 232 -19.54 -3.00 1.18
C LEU A 232 -20.45 -4.13 1.65
N THR A 233 -20.28 -5.32 1.06
CA THR A 233 -21.07 -6.48 1.48
C THR A 233 -20.68 -6.92 2.88
N LEU A 234 -19.41 -6.79 3.23
CA LEU A 234 -18.95 -7.16 4.56
C LEU A 234 -19.33 -6.11 5.61
N TRP A 235 -19.39 -4.83 5.21
CA TRP A 235 -19.63 -3.75 6.14
C TRP A 235 -21.10 -3.39 6.31
N THR A 236 -21.98 -3.90 5.46
CA THR A 236 -23.40 -3.58 5.54
C THR A 236 -24.26 -4.83 5.52
N ARG B 9 -11.50 -9.18 8.25
CA ARG B 9 -10.70 -8.10 7.67
C ARG B 9 -11.13 -7.83 6.22
N PRO B 10 -11.25 -6.56 5.86
CA PRO B 10 -11.68 -6.21 4.50
C PRO B 10 -10.52 -6.27 3.52
N SER B 11 -10.86 -6.15 2.24
CA SER B 11 -9.87 -6.24 1.18
C SER B 11 -9.27 -4.88 0.84
N TRP B 13 -6.21 -3.20 -1.87
CA TRP B 13 -5.88 -3.55 -3.24
C TRP B 13 -4.81 -4.65 -3.25
N ARG B 14 -5.00 -5.63 -4.14
CA ARG B 14 -4.09 -6.75 -4.27
C ARG B 14 -4.00 -7.14 -5.74
N GLN B 15 -2.77 -7.24 -6.24
CA GLN B 15 -2.54 -7.58 -7.64
C GLN B 15 -3.04 -8.98 -7.97
#